data_1AUV
#
_entry.id   1AUV
#
_cell.length_a   76.400
_cell.length_b   76.400
_cell.length_c   180.940
_cell.angle_alpha   90.00
_cell.angle_beta   90.00
_cell.angle_gamma   120.00
#
_symmetry.space_group_name_H-M   'P 32 2 1'
#
loop_
_entity.id
_entity.type
_entity.pdbx_description
1 polymer 'SYNAPSIN IA'
2 water water
#
_entity_poly.entity_id   1
_entity_poly.type   'polypeptide(L)'
_entity_poly.pdbx_seq_one_letter_code
;GAAARVLLVIDEPHTDWAKYFKGKKIHGEIDIKVEQAEFSDLNLVAHANGGFSVD(MSE)EVLRNGVKVVRSLKPDFVLI
RQHAFS(MSE)ARNGDYRSLVIGLQYAGIPSINSLHSVYNFCDKPWVFAQ(MSE)VRLHKKLGTEEFPLINQTFYPNHKE
(MSE)LSSTTYPVVVK(MSE)GHAHSG(MSE)GKVKVDNQHDFQDIASVVALTKTYATTEPFIDAKYDVRIQKIGQNYKA
Y(MSE)RTSVSGNWKTNTGSA(MSE)LEQIA(MSE)SDRYKLWVDTCSEIFGGLDICAVEALHGKDGRDHIIEVVGSS
(MSE)PLIGDHQDEDKQLIVELVVNK(MSE)AQALPR
;
_entity_poly.pdbx_strand_id   A,B
#
# COMPACT_ATOMS: atom_id res chain seq x y z
N ALA A 3 7.89 -1.12 -39.19
CA ALA A 3 7.27 -2.41 -38.75
C ALA A 3 6.23 -2.11 -37.65
N ALA A 4 4.95 -2.35 -37.92
CA ALA A 4 3.87 -2.05 -36.96
C ALA A 4 3.66 -3.00 -35.78
N ARG A 5 3.05 -2.46 -34.74
CA ARG A 5 2.77 -3.21 -33.54
C ARG A 5 1.34 -3.69 -33.63
N VAL A 6 1.16 -4.94 -33.22
CA VAL A 6 -0.11 -5.62 -33.24
C VAL A 6 -0.79 -5.72 -31.85
N LEU A 7 -1.95 -5.06 -31.71
CA LEU A 7 -2.71 -5.10 -30.47
C LEU A 7 -3.92 -6.02 -30.66
N LEU A 8 -4.02 -7.07 -29.87
CA LEU A 8 -5.18 -7.94 -29.94
C LEU A 8 -6.15 -7.43 -28.86
N VAL A 9 -7.40 -7.18 -29.23
CA VAL A 9 -8.38 -6.75 -28.25
C VAL A 9 -9.44 -7.79 -28.14
N ILE A 10 -9.57 -8.35 -26.95
CA ILE A 10 -10.59 -9.37 -26.73
C ILE A 10 -11.85 -8.67 -26.22
N ASP A 11 -12.86 -8.58 -27.07
CA ASP A 11 -14.10 -7.91 -26.70
C ASP A 11 -15.20 -8.31 -27.68
N GLU A 12 -16.44 -8.07 -27.29
CA GLU A 12 -17.57 -8.32 -28.16
C GLU A 12 -17.46 -7.29 -29.28
N PRO A 13 -18.13 -7.52 -30.42
CA PRO A 13 -18.11 -6.60 -31.57
C PRO A 13 -18.69 -5.18 -31.36
N HIS A 14 -19.53 -5.02 -30.34
CA HIS A 14 -20.16 -3.74 -30.01
C HIS A 14 -19.25 -2.50 -30.11
N THR A 15 -17.99 -2.64 -29.73
CA THR A 15 -17.06 -1.51 -29.75
C THR A 15 -16.01 -1.60 -30.84
N ASP A 16 -15.89 -0.57 -31.67
CA ASP A 16 -14.90 -0.58 -32.74
C ASP A 16 -13.59 -0.03 -32.20
N TRP A 17 -12.73 -0.91 -31.69
CA TRP A 17 -11.47 -0.44 -31.09
C TRP A 17 -10.48 0.08 -32.10
N ALA A 18 -10.53 -0.47 -33.31
CA ALA A 18 -9.66 -0.03 -34.38
C ALA A 18 -9.83 1.46 -34.64
N LYS A 19 -11.05 1.96 -34.49
CA LYS A 19 -11.35 3.37 -34.72
C LYS A 19 -10.76 4.32 -33.68
N TYR A 20 -10.76 3.90 -32.41
CA TYR A 20 -10.21 4.77 -31.36
C TYR A 20 -8.68 4.70 -31.30
N PHE A 21 -8.13 3.65 -31.91
CA PHE A 21 -6.67 3.46 -31.98
C PHE A 21 -6.05 3.99 -33.29
N LYS A 22 -6.89 4.29 -34.27
CA LYS A 22 -6.43 4.79 -35.57
C LYS A 22 -5.54 6.04 -35.46
N GLY A 23 -4.40 6.00 -36.14
CA GLY A 23 -3.49 7.14 -36.12
C GLY A 23 -2.58 7.19 -34.91
N LYS A 24 -2.89 6.42 -33.86
CA LYS A 24 -2.05 6.35 -32.65
C LYS A 24 -0.76 5.61 -33.01
N LYS A 25 0.36 6.25 -32.67
CA LYS A 25 1.67 5.69 -32.96
C LYS A 25 2.57 5.57 -31.73
N ILE A 26 3.37 4.52 -31.71
CA ILE A 26 4.30 4.22 -30.65
C ILE A 26 5.60 4.98 -30.87
N HIS A 27 5.96 5.82 -29.92
CA HIS A 27 7.17 6.65 -30.00
C HIS A 27 7.03 7.67 -31.12
N GLY A 28 5.78 7.89 -31.54
CA GLY A 28 5.49 8.82 -32.62
C GLY A 28 5.94 8.29 -33.97
N GLU A 29 6.35 7.01 -34.02
CA GLU A 29 6.83 6.39 -35.26
C GLU A 29 6.05 5.16 -35.71
N ILE A 30 6.03 4.15 -34.86
CA ILE A 30 5.43 2.87 -35.16
C ILE A 30 3.92 2.83 -35.07
N ASP A 31 3.26 2.35 -36.11
CA ASP A 31 1.79 2.31 -36.12
C ASP A 31 1.27 1.15 -35.31
N ILE A 32 -0.05 1.07 -35.13
CA ILE A 32 -0.62 -0.02 -34.36
C ILE A 32 -1.73 -0.71 -35.16
N LYS A 33 -1.59 -2.02 -35.39
CA LYS A 33 -2.61 -2.77 -36.11
C LYS A 33 -3.53 -3.38 -35.04
N VAL A 34 -4.81 -3.01 -35.03
CA VAL A 34 -5.77 -3.55 -34.06
C VAL A 34 -6.55 -4.77 -34.56
N GLU A 35 -6.40 -5.90 -33.87
CA GLU A 35 -7.09 -7.14 -34.18
C GLU A 35 -8.10 -7.31 -33.07
N GLN A 36 -9.35 -7.57 -33.40
CA GLN A 36 -10.37 -7.68 -32.39
C GLN A 36 -11.22 -8.93 -32.55
N ALA A 37 -11.38 -9.69 -31.47
CA ALA A 37 -12.14 -10.92 -31.51
C ALA A 37 -12.66 -11.20 -30.13
N GLU A 38 -13.54 -12.19 -30.05
CA GLU A 38 -14.09 -12.61 -28.78
C GLU A 38 -13.25 -13.81 -28.32
N PHE A 39 -13.23 -14.08 -27.02
CA PHE A 39 -12.50 -15.21 -26.48
C PHE A 39 -12.83 -16.50 -27.23
N SER A 40 -14.12 -16.73 -27.47
CA SER A 40 -14.57 -17.94 -28.15
C SER A 40 -14.02 -18.12 -29.56
N ASP A 41 -13.55 -17.05 -30.18
CA ASP A 41 -13.02 -17.16 -31.55
C ASP A 41 -11.52 -17.19 -31.63
N LEU A 42 -10.86 -17.45 -30.52
CA LEU A 42 -9.40 -17.44 -30.50
C LEU A 42 -8.80 -18.74 -29.95
N ASN A 43 -7.59 -19.04 -30.40
CA ASN A 43 -6.89 -20.19 -29.88
C ASN A 43 -5.42 -19.93 -30.09
N LEU A 44 -4.58 -20.79 -29.52
CA LEU A 44 -3.17 -20.58 -29.63
C LEU A 44 -2.39 -21.79 -29.23
N VAL A 45 -1.10 -21.67 -29.46
CA VAL A 45 -0.09 -22.67 -29.14
C VAL A 45 1.06 -21.80 -28.66
N ALA A 46 1.64 -22.16 -27.54
CA ALA A 46 2.75 -21.41 -27.00
C ALA A 46 3.90 -22.36 -26.68
N HIS A 47 5.13 -21.90 -26.97
CA HIS A 47 6.33 -22.68 -26.72
C HIS A 47 7.19 -21.90 -25.71
N ALA A 48 7.87 -22.63 -24.84
CA ALA A 48 8.69 -22.01 -23.82
C ALA A 48 9.88 -21.22 -24.39
N ASN A 49 10.19 -21.46 -25.66
CA ASN A 49 11.28 -20.76 -26.31
C ASN A 49 10.86 -19.41 -26.84
N GLY A 50 9.60 -19.07 -26.64
CA GLY A 50 9.10 -17.80 -27.11
C GLY A 50 8.25 -17.88 -28.37
N GLY A 51 8.31 -19.00 -29.08
CA GLY A 51 7.49 -19.11 -30.28
C GLY A 51 6.03 -19.21 -29.87
N PHE A 52 5.12 -18.68 -30.69
CA PHE A 52 3.69 -18.77 -30.40
C PHE A 52 2.87 -18.36 -31.63
N SER A 53 1.56 -18.50 -31.54
CA SER A 53 0.66 -18.12 -32.62
C SER A 53 -0.75 -18.07 -32.05
N VAL A 54 -1.44 -16.95 -32.29
CA VAL A 54 -2.81 -16.79 -31.81
C VAL A 54 -3.71 -16.87 -33.03
N ASP A 55 -4.52 -17.93 -33.08
CA ASP A 55 -5.44 -18.16 -34.19
C ASP A 55 -6.81 -17.54 -33.92
N MSE A 56 -7.32 -16.84 -34.91
CA MSE A 56 -8.58 -16.09 -34.87
C MSE A 56 -9.70 -16.51 -35.85
O MSE A 56 -9.49 -16.51 -37.07
CB MSE A 56 -8.22 -14.61 -35.14
CG MSE A 56 -9.34 -13.60 -35.06
SE MSE A 56 -9.01 -11.79 -35.39
CE MSE A 56 -7.98 -11.20 -34.11
N GLU A 57 -10.90 -16.79 -35.31
CA GLU A 57 -12.16 -17.16 -36.00
C GLU A 57 -12.53 -18.62 -36.29
N VAL A 58 -12.08 -19.13 -37.42
CA VAL A 58 -12.40 -20.48 -37.86
C VAL A 58 -13.87 -20.41 -38.34
N LEU A 59 -14.80 -20.28 -37.40
CA LEU A 59 -16.21 -20.18 -37.73
C LEU A 59 -16.76 -18.81 -37.32
N ARG A 60 -16.98 -17.95 -38.31
CA ARG A 60 -17.48 -16.60 -38.10
C ARG A 60 -17.69 -15.97 -39.48
N ASN A 61 -17.90 -14.66 -39.56
CA ASN A 61 -18.09 -13.97 -40.83
C ASN A 61 -16.94 -14.26 -41.78
N GLY A 62 -17.22 -14.16 -43.08
CA GLY A 62 -16.20 -14.43 -44.06
C GLY A 62 -16.34 -15.84 -44.60
N VAL A 63 -17.35 -16.55 -44.11
CA VAL A 63 -17.66 -17.93 -44.50
C VAL A 63 -16.51 -18.89 -44.18
N LYS A 64 -16.15 -18.94 -42.90
CA LYS A 64 -15.08 -19.81 -42.40
C LYS A 64 -13.69 -19.39 -42.88
N VAL A 65 -12.80 -19.13 -41.94
CA VAL A 65 -11.43 -18.73 -42.25
C VAL A 65 -10.54 -18.85 -41.01
N VAL A 66 -9.35 -19.41 -41.21
CA VAL A 66 -8.39 -19.58 -40.11
C VAL A 66 -7.29 -18.54 -40.25
N ARG A 67 -7.17 -17.66 -39.26
CA ARG A 67 -6.16 -16.61 -39.28
C ARG A 67 -5.17 -16.63 -38.12
N SER A 68 -3.91 -16.36 -38.45
CA SER A 68 -2.82 -16.38 -37.49
C SER A 68 -2.29 -14.98 -37.16
N LEU A 69 -2.21 -14.67 -35.87
CA LEU A 69 -1.70 -13.38 -35.44
C LEU A 69 -0.56 -13.59 -34.47
N LYS A 70 0.28 -12.58 -34.38
CA LYS A 70 1.37 -12.67 -33.42
C LYS A 70 1.22 -11.38 -32.60
N PRO A 71 0.15 -11.29 -31.77
CA PRO A 71 -0.12 -10.12 -30.93
C PRO A 71 1.11 -9.71 -30.11
N ASP A 72 1.43 -8.41 -30.12
CA ASP A 72 2.54 -7.85 -29.37
C ASP A 72 2.00 -7.40 -28.01
N PHE A 73 0.68 -7.24 -27.94
CA PHE A 73 0.00 -6.77 -26.74
C PHE A 73 -1.44 -7.21 -26.81
N VAL A 74 -2.09 -7.31 -25.65
CA VAL A 74 -3.50 -7.69 -25.55
C VAL A 74 -4.24 -6.73 -24.62
N LEU A 75 -5.50 -6.43 -24.95
CA LEU A 75 -6.39 -5.60 -24.14
C LEU A 75 -7.59 -6.49 -23.86
N ILE A 76 -7.77 -6.88 -22.61
CA ILE A 76 -8.85 -7.78 -22.26
C ILE A 76 -10.05 -7.04 -21.68
N ARG A 77 -11.09 -6.93 -22.49
CA ARG A 77 -12.31 -6.22 -22.15
C ARG A 77 -13.50 -7.17 -21.99
N GLN A 78 -13.21 -8.46 -21.94
CA GLN A 78 -14.27 -9.46 -21.81
C GLN A 78 -14.01 -10.39 -20.61
N HIS A 79 -15.07 -10.93 -20.01
CA HIS A 79 -14.94 -11.85 -18.86
C HIS A 79 -14.33 -13.16 -19.33
N ALA A 80 -13.27 -13.58 -18.66
CA ALA A 80 -12.54 -14.81 -19.00
C ALA A 80 -13.16 -16.18 -18.60
N PHE A 81 -14.11 -16.18 -17.65
CA PHE A 81 -14.74 -17.43 -17.19
C PHE A 81 -16.18 -17.30 -16.67
N SER A 82 -17.03 -18.26 -17.02
CA SER A 82 -18.43 -18.31 -16.54
C SER A 82 -19.08 -19.69 -16.65
N MSE A 83 -19.53 -20.19 -15.50
CA MSE A 83 -20.18 -21.49 -15.42
C MSE A 83 -21.53 -21.51 -16.13
O MSE A 83 -22.32 -22.43 -15.96
CB MSE A 83 -20.35 -21.91 -13.96
CG MSE A 83 -19.05 -22.27 -13.25
SE MSE A 83 -18.95 -22.77 -11.45
CE MSE A 83 -17.87 -21.51 -10.65
N ALA A 84 -21.79 -20.46 -16.91
CA ALA A 84 -23.03 -20.33 -17.67
C ALA A 84 -22.93 -19.20 -18.68
N ARG A 85 -23.40 -19.48 -19.89
CA ARG A 85 -23.44 -18.52 -21.00
C ARG A 85 -22.22 -17.59 -21.12
N ASN A 86 -21.10 -18.17 -21.51
CA ASN A 86 -19.83 -17.43 -21.69
C ASN A 86 -18.77 -18.46 -22.02
N GLY A 87 -18.48 -19.34 -21.07
CA GLY A 87 -17.49 -20.37 -21.28
C GLY A 87 -16.26 -20.26 -20.40
N ASP A 88 -15.41 -21.28 -20.48
CA ASP A 88 -14.16 -21.36 -19.72
C ASP A 88 -12.94 -21.04 -20.63
N TYR A 89 -12.45 -19.80 -20.49
CA TYR A 89 -11.30 -19.31 -21.27
C TYR A 89 -10.06 -19.18 -20.42
N ARG A 90 -10.13 -19.75 -19.22
CA ARG A 90 -9.00 -19.72 -18.30
C ARG A 90 -7.75 -20.33 -18.96
N SER A 91 -7.93 -21.36 -19.79
CA SER A 91 -6.80 -21.99 -20.46
C SER A 91 -6.17 -21.03 -21.48
N LEU A 92 -6.99 -20.19 -22.10
CA LEU A 92 -6.46 -19.20 -23.08
C LEU A 92 -5.63 -18.17 -22.34
N VAL A 93 -6.12 -17.71 -21.19
CA VAL A 93 -5.39 -16.74 -20.37
C VAL A 93 -4.04 -17.37 -20.01
N ILE A 94 -4.06 -18.64 -19.60
CA ILE A 94 -2.84 -19.38 -19.27
C ILE A 94 -1.94 -19.43 -20.50
N GLY A 95 -2.55 -19.64 -21.67
CA GLY A 95 -1.79 -19.72 -22.90
C GLY A 95 -1.15 -18.39 -23.22
N LEU A 96 -1.88 -17.31 -23.02
CA LEU A 96 -1.33 -15.99 -23.30
C LEU A 96 -0.14 -15.70 -22.34
N GLN A 97 -0.27 -16.07 -21.07
CA GLN A 97 0.82 -15.86 -20.12
C GLN A 97 2.03 -16.73 -20.51
N TYR A 98 1.76 -17.97 -20.88
CA TYR A 98 2.79 -18.91 -21.31
C TYR A 98 3.55 -18.30 -22.50
N ALA A 99 2.84 -17.55 -23.35
CA ALA A 99 3.46 -16.92 -24.51
C ALA A 99 4.18 -15.62 -24.19
N GLY A 100 4.06 -15.18 -22.94
CA GLY A 100 4.72 -13.97 -22.49
C GLY A 100 4.18 -12.66 -23.06
N ILE A 101 2.93 -12.68 -23.51
CA ILE A 101 2.32 -11.50 -24.11
C ILE A 101 1.82 -10.49 -23.07
N PRO A 102 2.35 -9.25 -23.12
CA PRO A 102 1.96 -8.18 -22.20
C PRO A 102 0.46 -7.92 -22.32
N SER A 103 -0.18 -7.53 -21.22
CA SER A 103 -1.62 -7.30 -21.23
C SER A 103 -2.14 -6.20 -20.30
N ILE A 104 -3.37 -5.76 -20.55
CA ILE A 104 -4.09 -4.81 -19.71
C ILE A 104 -5.54 -5.29 -19.62
N ASN A 105 -5.97 -5.72 -18.45
CA ASN A 105 -5.16 -5.76 -17.23
C ASN A 105 -4.16 -6.92 -17.32
N SER A 106 -3.26 -7.03 -16.37
CA SER A 106 -2.24 -8.06 -16.42
C SER A 106 -2.90 -9.40 -16.51
N LEU A 107 -2.25 -10.34 -17.20
CA LEU A 107 -2.80 -11.68 -17.32
C LEU A 107 -2.91 -12.29 -15.95
N HIS A 108 -2.00 -11.93 -15.06
CA HIS A 108 -2.03 -12.44 -13.71
C HIS A 108 -3.34 -12.06 -13.04
N SER A 109 -3.75 -10.79 -13.15
CA SER A 109 -5.01 -10.33 -12.51
C SER A 109 -6.23 -10.93 -13.18
N VAL A 110 -6.18 -11.04 -14.50
CA VAL A 110 -7.28 -11.62 -15.26
C VAL A 110 -7.52 -13.05 -14.82
N TYR A 111 -6.46 -13.83 -14.69
CA TYR A 111 -6.55 -15.22 -14.25
C TYR A 111 -7.12 -15.30 -12.84
N ASN A 112 -6.57 -14.48 -11.95
CA ASN A 112 -7.02 -14.43 -10.55
C ASN A 112 -8.42 -13.86 -10.37
N PHE A 113 -8.94 -13.21 -11.40
CA PHE A 113 -10.29 -12.64 -11.34
C PHE A 113 -11.34 -13.70 -11.73
N CYS A 114 -10.89 -14.90 -12.10
CA CYS A 114 -11.82 -15.95 -12.49
C CYS A 114 -12.72 -16.48 -11.40
N ASP A 115 -12.40 -16.25 -10.13
CA ASP A 115 -13.30 -16.68 -9.05
C ASP A 115 -13.69 -15.43 -8.28
N LYS A 116 -14.94 -15.00 -8.42
CA LYS A 116 -15.38 -13.80 -7.74
C LYS A 116 -15.06 -13.75 -6.25
N PRO A 117 -15.35 -14.82 -5.49
CA PRO A 117 -15.05 -14.84 -4.05
C PRO A 117 -13.54 -14.80 -3.76
N TRP A 118 -12.72 -15.23 -4.72
CA TRP A 118 -11.26 -15.14 -4.53
C TRP A 118 -10.91 -13.64 -4.60
N VAL A 119 -11.55 -12.92 -5.52
CA VAL A 119 -11.35 -11.49 -5.63
C VAL A 119 -11.90 -10.82 -4.38
N PHE A 120 -13.04 -11.31 -3.89
CA PHE A 120 -13.66 -10.75 -2.70
C PHE A 120 -12.78 -11.00 -1.49
N ALA A 121 -12.11 -12.14 -1.46
CA ALA A 121 -11.23 -12.45 -0.35
C ALA A 121 -10.17 -11.34 -0.19
N GLN A 122 -9.75 -10.72 -1.29
CA GLN A 122 -8.74 -9.66 -1.22
C GLN A 122 -9.31 -8.45 -0.50
N MSE A 123 -10.57 -8.17 -0.78
CA MSE A 123 -11.28 -7.06 -0.17
C MSE A 123 -11.53 -7.27 1.31
O MSE A 123 -11.60 -6.32 2.08
CB MSE A 123 -12.56 -6.82 -0.92
CG MSE A 123 -12.36 -6.15 -2.28
SE MSE A 123 -13.79 -5.25 -3.02
CE MSE A 123 -15.20 -6.48 -2.94
N VAL A 124 -11.67 -8.53 1.71
CA VAL A 124 -11.88 -8.86 3.11
C VAL A 124 -10.60 -8.47 3.87
N ARG A 125 -9.42 -8.74 3.28
CA ARG A 125 -8.16 -8.38 3.92
C ARG A 125 -7.99 -6.86 4.08
N LEU A 126 -8.38 -6.10 3.05
CA LEU A 126 -8.33 -4.65 3.09
C LEU A 126 -9.29 -4.13 4.11
N HIS A 127 -10.48 -4.74 4.15
CA HIS A 127 -11.52 -4.39 5.14
C HIS A 127 -10.99 -4.66 6.55
N LYS A 128 -10.32 -5.79 6.73
CA LYS A 128 -9.79 -6.16 8.01
C LYS A 128 -8.78 -5.11 8.44
N LYS A 129 -7.94 -4.70 7.50
CA LYS A 129 -6.90 -3.73 7.78
C LYS A 129 -7.43 -2.30 8.00
N LEU A 130 -8.22 -1.83 7.06
CA LEU A 130 -8.75 -0.47 7.13
C LEU A 130 -9.86 -0.19 8.14
N GLY A 131 -10.71 -1.19 8.37
CA GLY A 131 -11.83 -1.01 9.29
C GLY A 131 -13.05 -0.48 8.58
N THR A 132 -14.21 -0.71 9.16
CA THR A 132 -15.48 -0.27 8.56
C THR A 132 -15.59 1.26 8.33
N GLU A 133 -15.05 2.06 9.26
CA GLU A 133 -15.12 3.51 9.11
C GLU A 133 -14.39 3.97 7.87
N GLU A 134 -13.39 3.21 7.44
CA GLU A 134 -12.62 3.56 6.26
C GLU A 134 -13.03 2.79 5.00
N PHE A 135 -13.35 1.51 5.14
CA PHE A 135 -13.69 0.65 4.00
C PHE A 135 -14.83 -0.27 4.43
N PRO A 136 -16.08 0.20 4.25
CA PRO A 136 -17.32 -0.51 4.60
C PRO A 136 -17.75 -1.66 3.66
N LEU A 137 -17.04 -2.77 3.73
CA LEU A 137 -17.34 -3.94 2.92
C LEU A 137 -18.60 -4.67 3.45
N ILE A 138 -19.51 -5.04 2.53
CA ILE A 138 -20.72 -5.77 2.92
C ILE A 138 -20.34 -7.10 3.60
N ASN A 139 -21.08 -7.50 4.63
CA ASN A 139 -20.76 -8.74 5.34
C ASN A 139 -21.26 -10.03 4.65
N GLN A 140 -20.55 -10.42 3.61
CA GLN A 140 -20.83 -11.58 2.81
C GLN A 140 -20.29 -12.86 3.46
N THR A 141 -20.87 -14.00 3.10
CA THR A 141 -20.48 -15.31 3.63
C THR A 141 -20.17 -16.22 2.45
N PHE A 142 -19.03 -16.91 2.53
CA PHE A 142 -18.58 -17.85 1.49
C PHE A 142 -18.85 -19.29 1.93
N TYR A 143 -19.37 -20.08 1.00
CA TYR A 143 -19.64 -21.48 1.26
C TYR A 143 -18.90 -22.24 0.21
N PRO A 144 -17.89 -23.04 0.64
CA PRO A 144 -17.06 -23.87 -0.24
C PRO A 144 -17.99 -24.91 -0.83
N ASN A 145 -18.82 -25.45 0.06
CA ASN A 145 -19.78 -26.50 -0.26
C ASN A 145 -21.06 -26.41 0.60
N HIS A 146 -22.20 -26.47 -0.09
CA HIS A 146 -23.55 -26.40 0.47
C HIS A 146 -23.86 -27.03 1.85
N LYS A 147 -23.24 -28.16 2.14
CA LYS A 147 -23.53 -28.88 3.38
C LYS A 147 -24.03 -28.07 4.56
N GLU A 148 -23.22 -27.11 5.00
CA GLU A 148 -23.57 -26.30 6.15
C GLU A 148 -24.41 -25.03 5.91
N MSE A 149 -25.06 -24.93 4.77
CA MSE A 149 -25.92 -23.79 4.49
C MSE A 149 -27.22 -24.04 5.27
O MSE A 149 -28.19 -24.52 4.68
CB MSE A 149 -26.24 -23.71 3.00
CG MSE A 149 -25.37 -22.75 2.23
SE MSE A 149 -25.54 -22.37 0.42
CE MSE A 149 -26.47 -20.84 0.36
N LEU A 150 -27.24 -23.77 6.58
CA LEU A 150 -28.45 -24.02 7.37
C LEU A 150 -29.45 -22.87 7.31
N SER A 151 -29.02 -21.73 7.86
CA SER A 151 -29.84 -20.53 7.90
C SER A 151 -29.00 -19.31 7.56
N SER A 152 -29.67 -18.19 7.44
CA SER A 152 -29.00 -16.93 7.19
C SER A 152 -29.41 -16.15 8.41
N THR A 153 -28.43 -15.55 9.07
CA THR A 153 -28.65 -14.78 10.28
C THR A 153 -29.83 -13.78 10.20
N THR A 154 -30.29 -13.47 8.97
CA THR A 154 -31.40 -12.54 8.76
C THR A 154 -31.98 -12.76 7.35
N TYR A 155 -33.05 -12.05 7.01
CA TYR A 155 -33.68 -12.15 5.68
C TYR A 155 -34.26 -10.78 5.30
N PRO A 156 -34.34 -10.50 4.00
CA PRO A 156 -33.91 -11.42 2.94
C PRO A 156 -32.36 -11.53 2.85
N VAL A 157 -31.88 -12.50 2.06
CA VAL A 157 -30.45 -12.72 1.82
C VAL A 157 -30.29 -12.98 0.32
N VAL A 158 -29.27 -12.38 -0.28
CA VAL A 158 -29.03 -12.58 -1.70
C VAL A 158 -27.99 -13.65 -1.80
N VAL A 159 -28.32 -14.74 -2.50
CA VAL A 159 -27.42 -15.86 -2.70
C VAL A 159 -26.83 -15.73 -4.11
N LYS A 160 -25.50 -15.65 -4.21
CA LYS A 160 -24.78 -15.55 -5.48
C LYS A 160 -24.12 -16.89 -5.70
N MSE A 161 -24.45 -17.52 -6.82
CA MSE A 161 -23.95 -18.85 -7.09
C MSE A 161 -22.78 -18.96 -8.04
O MSE A 161 -22.81 -18.43 -9.16
CB MSE A 161 -25.11 -19.73 -7.52
CG MSE A 161 -26.06 -20.04 -6.39
SE MSE A 161 -27.70 -20.79 -6.77
CE MSE A 161 -27.32 -21.88 -8.16
N GLY A 162 -21.76 -19.68 -7.59
CA GLY A 162 -20.56 -19.90 -8.37
C GLY A 162 -19.92 -18.61 -8.84
N HIS A 163 -19.57 -18.61 -10.12
CA HIS A 163 -18.97 -17.44 -10.74
C HIS A 163 -19.85 -17.06 -11.91
N ALA A 164 -20.67 -16.03 -11.72
CA ALA A 164 -21.55 -15.56 -12.78
C ALA A 164 -21.43 -14.03 -12.86
N HIS A 165 -21.82 -13.47 -13.99
CA HIS A 165 -21.68 -12.02 -14.16
C HIS A 165 -22.96 -11.39 -14.65
N SER A 166 -22.99 -10.08 -14.55
CA SER A 166 -24.11 -9.26 -15.00
C SER A 166 -25.47 -9.60 -14.35
N GLY A 167 -25.46 -10.26 -13.19
CA GLY A 167 -26.70 -10.54 -12.48
C GLY A 167 -27.01 -12.01 -12.41
N MSE A 168 -26.55 -12.76 -13.42
CA MSE A 168 -26.78 -14.20 -13.49
C MSE A 168 -26.30 -14.96 -12.24
O MSE A 168 -25.24 -14.67 -11.69
CB MSE A 168 -26.07 -14.79 -14.71
CG MSE A 168 -26.30 -14.04 -16.02
SE MSE A 168 -24.87 -13.53 -17.15
CE MSE A 168 -23.38 -14.73 -16.73
N GLY A 169 -27.08 -15.95 -11.81
CA GLY A 169 -26.70 -16.73 -10.66
C GLY A 169 -27.06 -16.13 -9.31
N LYS A 170 -27.77 -15.00 -9.30
CA LYS A 170 -28.19 -14.34 -8.04
C LYS A 170 -29.65 -14.71 -7.75
N VAL A 171 -29.98 -14.81 -6.46
CA VAL A 171 -31.31 -15.20 -6.03
C VAL A 171 -31.62 -14.54 -4.69
N LYS A 172 -32.67 -13.72 -4.69
CA LYS A 172 -33.09 -13.03 -3.49
C LYS A 172 -34.00 -14.01 -2.74
N VAL A 173 -33.71 -14.26 -1.48
CA VAL A 173 -34.48 -15.22 -0.72
C VAL A 173 -35.05 -14.55 0.50
N ASP A 174 -36.38 -14.38 0.50
CA ASP A 174 -37.09 -13.69 1.58
C ASP A 174 -37.36 -14.46 2.88
N ASN A 175 -37.12 -15.76 2.91
CA ASN A 175 -37.39 -16.51 4.14
C ASN A 175 -36.67 -17.86 4.32
N GLN A 176 -36.65 -18.33 5.56
CA GLN A 176 -36.00 -19.60 5.95
C GLN A 176 -36.29 -20.78 5.01
N HIS A 177 -37.55 -21.00 4.72
CA HIS A 177 -37.96 -22.11 3.86
C HIS A 177 -37.45 -22.00 2.42
N ASP A 178 -37.66 -20.84 1.79
CA ASP A 178 -37.18 -20.60 0.42
C ASP A 178 -35.66 -20.69 0.34
N PHE A 179 -35.01 -20.31 1.44
CA PHE A 179 -33.55 -20.36 1.54
C PHE A 179 -33.10 -21.82 1.42
N GLN A 180 -33.79 -22.69 2.13
CA GLN A 180 -33.49 -24.10 2.10
C GLN A 180 -33.66 -24.72 0.71
N ASP A 181 -34.57 -24.17 -0.08
CA ASP A 181 -34.79 -24.64 -1.44
C ASP A 181 -33.57 -24.31 -2.26
N ILE A 182 -33.12 -23.05 -2.16
CA ILE A 182 -31.97 -22.59 -2.90
C ILE A 182 -30.72 -23.35 -2.45
N ALA A 183 -30.68 -23.72 -1.18
CA ALA A 183 -29.55 -24.46 -0.65
C ALA A 183 -29.37 -25.78 -1.41
N SER A 184 -30.49 -26.43 -1.74
CA SER A 184 -30.49 -27.68 -2.50
C SER A 184 -30.04 -27.45 -3.93
N VAL A 185 -30.45 -26.32 -4.49
CA VAL A 185 -30.07 -25.96 -5.84
C VAL A 185 -28.55 -25.74 -5.88
N VAL A 186 -28.02 -25.19 -4.79
CA VAL A 186 -26.58 -24.96 -4.68
C VAL A 186 -25.85 -26.31 -4.64
N ALA A 187 -26.45 -27.29 -3.99
CA ALA A 187 -25.87 -28.63 -3.92
C ALA A 187 -25.78 -29.22 -5.33
N LEU A 188 -26.81 -28.96 -6.13
CA LEU A 188 -26.87 -29.44 -7.50
C LEU A 188 -25.95 -28.68 -8.45
N THR A 189 -25.30 -27.65 -7.96
CA THR A 189 -24.43 -26.88 -8.81
C THR A 189 -22.97 -27.39 -8.76
N LYS A 190 -22.67 -28.13 -7.69
CA LYS A 190 -21.34 -28.69 -7.49
C LYS A 190 -20.28 -27.58 -7.44
N THR A 191 -20.68 -26.45 -6.85
CA THR A 191 -19.78 -25.31 -6.71
C THR A 191 -20.21 -24.43 -5.53
N TYR A 192 -19.26 -23.59 -5.11
CA TYR A 192 -19.44 -22.68 -3.98
C TYR A 192 -20.46 -21.60 -4.32
N ALA A 193 -20.81 -20.84 -3.30
CA ALA A 193 -21.76 -19.76 -3.44
C ALA A 193 -21.51 -18.86 -2.25
N THR A 194 -22.02 -17.63 -2.32
CA THR A 194 -21.91 -16.68 -1.21
C THR A 194 -23.34 -16.19 -0.91
N THR A 195 -23.53 -15.72 0.33
CA THR A 195 -24.79 -15.14 0.77
C THR A 195 -24.45 -13.84 1.45
N GLU A 196 -25.28 -12.83 1.27
CA GLU A 196 -25.08 -11.53 1.90
C GLU A 196 -26.45 -10.95 2.27
N PRO A 197 -26.53 -10.19 3.37
CA PRO A 197 -27.79 -9.58 3.79
C PRO A 197 -28.32 -8.67 2.66
N PHE A 198 -29.63 -8.61 2.45
CA PHE A 198 -30.13 -7.72 1.39
C PHE A 198 -30.10 -6.29 1.93
N ILE A 199 -29.61 -5.38 1.10
CA ILE A 199 -29.52 -3.97 1.47
C ILE A 199 -30.60 -3.17 0.73
N ASP A 200 -31.50 -2.57 1.51
CA ASP A 200 -32.56 -1.74 0.92
C ASP A 200 -31.88 -0.40 0.61
N ALA A 201 -31.42 -0.23 -0.63
CA ALA A 201 -30.66 0.98 -0.99
C ALA A 201 -31.33 2.22 -1.55
N LYS A 202 -30.78 3.39 -1.25
CA LYS A 202 -31.28 4.65 -1.81
C LYS A 202 -30.73 4.76 -3.22
N TYR A 203 -29.48 4.31 -3.39
CA TYR A 203 -28.79 4.36 -4.69
C TYR A 203 -27.50 3.51 -4.74
N ASP A 204 -26.98 3.33 -5.96
CA ASP A 204 -25.75 2.58 -6.21
C ASP A 204 -24.72 3.60 -6.60
N VAL A 205 -23.45 3.29 -6.34
CA VAL A 205 -22.34 4.16 -6.69
C VAL A 205 -21.28 3.26 -7.31
N ARG A 206 -20.63 3.72 -8.37
CA ARG A 206 -19.54 2.95 -8.93
C ARG A 206 -18.42 3.93 -9.11
N ILE A 207 -17.31 3.67 -8.42
CA ILE A 207 -16.12 4.52 -8.48
C ILE A 207 -15.12 3.80 -9.36
N GLN A 208 -14.77 4.40 -10.50
CA GLN A 208 -13.84 3.78 -11.45
C GLN A 208 -12.45 4.43 -11.52
N LYS A 209 -11.48 3.66 -11.99
CA LYS A 209 -10.11 4.14 -12.09
C LYS A 209 -9.46 3.53 -13.34
N ILE A 210 -9.10 4.41 -14.28
CA ILE A 210 -8.47 4.03 -15.53
C ILE A 210 -7.14 4.79 -15.53
N GLY A 211 -6.06 4.05 -15.28
CA GLY A 211 -4.76 4.67 -15.21
C GLY A 211 -4.86 5.56 -13.99
N GLN A 212 -4.75 6.87 -14.21
CA GLN A 212 -4.83 7.87 -13.13
C GLN A 212 -6.11 8.72 -13.21
N ASN A 213 -7.08 8.28 -13.98
CA ASN A 213 -8.31 9.05 -14.13
C ASN A 213 -9.42 8.41 -13.28
N TYR A 214 -10.06 9.21 -12.44
CA TYR A 214 -11.14 8.72 -11.60
C TYR A 214 -12.46 9.36 -12.00
N LYS A 215 -13.53 8.58 -11.85
CA LYS A 215 -14.89 9.03 -12.15
C LYS A 215 -15.77 8.28 -11.20
N ALA A 216 -16.80 8.94 -10.70
CA ALA A 216 -17.79 8.34 -9.81
C ALA A 216 -19.17 8.60 -10.44
N TYR A 217 -19.96 7.53 -10.56
CA TYR A 217 -21.29 7.60 -11.12
C TYR A 217 -22.27 7.12 -10.08
N MSE A 218 -23.47 7.68 -10.12
CA MSE A 218 -24.51 7.28 -9.19
C MSE A 218 -25.68 6.72 -9.98
O MSE A 218 -26.18 7.34 -10.94
CB MSE A 218 -24.93 8.47 -8.35
CG MSE A 218 -26.00 8.14 -7.34
SE MSE A 218 -26.97 9.46 -6.47
CE MSE A 218 -25.82 10.14 -5.05
N ARG A 219 -26.05 5.50 -9.64
CA ARG A 219 -27.14 4.76 -10.27
C ARG A 219 -28.29 4.76 -9.26
N THR A 220 -29.51 4.54 -9.73
CA THR A 220 -30.65 4.54 -8.81
C THR A 220 -31.65 3.46 -9.23
N LEU A 235 -28.01 6.90 -14.31
CA LEU A 235 -26.55 7.15 -14.05
C LEU A 235 -26.28 8.63 -14.08
N GLU A 236 -25.67 9.14 -13.01
CA GLU A 236 -25.35 10.57 -12.92
C GLU A 236 -23.93 10.67 -12.37
N GLN A 237 -23.06 11.42 -13.05
CA GLN A 237 -21.70 11.57 -12.56
C GLN A 237 -21.64 12.49 -11.33
N ILE A 238 -21.14 11.94 -10.23
CA ILE A 238 -21.01 12.65 -8.98
C ILE A 238 -19.54 12.92 -8.62
N ALA A 239 -19.30 13.93 -7.79
CA ALA A 239 -17.95 14.31 -7.44
C ALA A 239 -17.26 13.20 -6.68
N MSE A 240 -15.94 13.18 -6.81
CA MSE A 240 -15.07 12.24 -6.13
C MSE A 240 -14.74 12.80 -4.76
O MSE A 240 -14.74 14.00 -4.54
CB MSE A 240 -13.81 12.09 -6.95
CG MSE A 240 -14.00 11.11 -8.09
SE MSE A 240 -14.10 9.31 -7.66
CE MSE A 240 -12.51 9.07 -6.74
N SER A 241 -14.52 11.91 -3.81
CA SER A 241 -14.18 12.35 -2.47
C SER A 241 -12.96 11.50 -2.10
N ASP A 242 -12.27 11.89 -1.05
CA ASP A 242 -11.11 11.14 -0.62
C ASP A 242 -11.53 9.74 -0.17
N ARG A 243 -12.76 9.61 0.32
CA ARG A 243 -13.32 8.32 0.77
C ARG A 243 -13.46 7.42 -0.45
N TYR A 244 -14.11 7.95 -1.47
CA TYR A 244 -14.31 7.20 -2.71
C TYR A 244 -12.99 6.77 -3.33
N LYS A 245 -12.04 7.71 -3.39
CA LYS A 245 -10.71 7.49 -3.95
C LYS A 245 -9.97 6.39 -3.19
N LEU A 246 -10.01 6.42 -1.86
CA LEU A 246 -9.38 5.40 -1.04
C LEU A 246 -9.93 4.00 -1.39
N TRP A 247 -11.23 3.91 -1.58
CA TRP A 247 -11.83 2.63 -1.92
C TRP A 247 -11.26 2.09 -3.21
N VAL A 248 -11.26 2.91 -4.24
CA VAL A 248 -10.80 2.46 -5.53
C VAL A 248 -9.27 2.31 -5.63
N ASP A 249 -8.55 3.18 -4.96
CA ASP A 249 -7.10 3.10 -4.97
C ASP A 249 -6.67 1.78 -4.31
N THR A 250 -7.25 1.46 -3.14
CA THR A 250 -6.87 0.24 -2.45
C THR A 250 -7.23 -0.95 -3.30
N CYS A 251 -8.43 -0.93 -3.89
CA CYS A 251 -8.87 -2.02 -4.73
C CYS A 251 -8.00 -2.19 -5.95
N SER A 252 -7.51 -1.09 -6.50
CA SER A 252 -6.66 -1.14 -7.70
C SER A 252 -5.28 -1.75 -7.47
N GLU A 253 -4.94 -2.00 -6.21
CA GLU A 253 -3.64 -2.53 -5.88
C GLU A 253 -3.64 -4.04 -5.84
N ILE A 254 -4.83 -4.66 -5.87
CA ILE A 254 -4.90 -6.12 -5.78
C ILE A 254 -4.28 -6.84 -6.99
N PHE A 255 -3.85 -8.08 -6.74
CA PHE A 255 -3.21 -8.94 -7.74
C PHE A 255 -2.12 -8.24 -8.50
N GLY A 256 -1.30 -7.47 -7.78
CA GLY A 256 -0.16 -6.76 -8.36
C GLY A 256 -0.50 -5.43 -9.00
N GLY A 257 -1.78 -5.08 -9.07
CA GLY A 257 -2.16 -3.81 -9.69
C GLY A 257 -3.11 -3.91 -10.85
N LEU A 258 -4.23 -3.21 -10.75
CA LEU A 258 -5.26 -3.23 -11.80
C LEU A 258 -5.24 -1.89 -12.52
N ASP A 259 -4.95 -1.87 -13.83
CA ASP A 259 -4.91 -0.60 -14.56
C ASP A 259 -6.30 -0.01 -14.81
N ILE A 260 -7.28 -0.88 -15.00
CA ILE A 260 -8.65 -0.48 -15.26
C ILE A 260 -9.46 -1.27 -14.24
N CYS A 261 -10.23 -0.57 -13.42
CA CYS A 261 -11.07 -1.23 -12.41
C CYS A 261 -12.13 -0.26 -11.86
N ALA A 262 -13.05 -0.79 -11.05
CA ALA A 262 -14.10 -0.01 -10.41
C ALA A 262 -14.67 -0.74 -9.21
N VAL A 263 -15.05 0.02 -8.18
CA VAL A 263 -15.65 -0.52 -6.98
C VAL A 263 -17.14 -0.19 -7.01
N GLU A 264 -17.96 -1.22 -6.83
CA GLU A 264 -19.41 -1.09 -6.78
C GLU A 264 -19.77 -1.03 -5.30
N ALA A 265 -20.56 -0.03 -4.94
CA ALA A 265 -21.00 0.12 -3.55
C ALA A 265 -22.48 0.58 -3.56
N LEU A 266 -23.20 0.24 -2.49
CA LEU A 266 -24.60 0.61 -2.32
C LEU A 266 -24.68 1.64 -1.24
N HIS A 267 -25.66 2.53 -1.34
CA HIS A 267 -25.86 3.50 -0.28
C HIS A 267 -27.19 3.12 0.33
N GLY A 268 -27.15 2.63 1.56
CA GLY A 268 -28.36 2.23 2.23
C GLY A 268 -29.19 3.39 2.73
N LYS A 269 -30.50 3.16 2.80
CA LYS A 269 -31.46 4.14 3.30
C LYS A 269 -31.02 4.40 4.73
N ASP A 270 -30.40 3.38 5.31
CA ASP A 270 -29.86 3.37 6.67
C ASP A 270 -28.73 4.38 6.83
N GLY A 271 -28.26 4.96 5.73
CA GLY A 271 -27.18 5.93 5.80
C GLY A 271 -25.80 5.35 5.57
N ARG A 272 -25.57 4.13 6.05
CA ARG A 272 -24.30 3.42 5.90
C ARG A 272 -24.02 3.08 4.43
N ASP A 273 -22.75 3.08 4.03
CA ASP A 273 -22.37 2.68 2.69
C ASP A 273 -21.95 1.20 2.78
N HIS A 274 -21.93 0.51 1.65
CA HIS A 274 -21.56 -0.91 1.64
C HIS A 274 -20.86 -1.22 0.34
N ILE A 275 -19.63 -1.68 0.45
CA ILE A 275 -18.85 -2.05 -0.73
C ILE A 275 -19.27 -3.47 -1.11
N ILE A 276 -19.63 -3.65 -2.37
CA ILE A 276 -20.11 -4.95 -2.82
C ILE A 276 -19.05 -5.76 -3.53
N GLU A 277 -18.37 -5.13 -4.49
CA GLU A 277 -17.37 -5.82 -5.28
C GLU A 277 -16.48 -4.90 -6.11
N VAL A 278 -15.45 -5.49 -6.68
CA VAL A 278 -14.54 -4.76 -7.54
C VAL A 278 -14.50 -5.51 -8.87
N VAL A 279 -14.53 -4.76 -9.96
CA VAL A 279 -14.51 -5.35 -11.30
C VAL A 279 -13.19 -4.94 -12.00
N GLY A 280 -12.73 -5.80 -12.91
CA GLY A 280 -11.49 -5.60 -13.63
C GLY A 280 -11.57 -4.90 -14.98
N SER A 281 -10.64 -5.24 -15.88
CA SER A 281 -10.58 -4.60 -17.21
C SER A 281 -11.77 -4.88 -18.11
N SER A 282 -12.66 -5.76 -17.68
CA SER A 282 -13.82 -6.06 -18.47
C SER A 282 -15.00 -5.25 -17.96
N MSE A 283 -14.74 -4.38 -16.97
CA MSE A 283 -15.80 -3.54 -16.41
C MSE A 283 -16.48 -2.76 -17.53
O MSE A 283 -15.81 -2.19 -18.40
CB MSE A 283 -15.25 -2.55 -15.38
CG MSE A 283 -14.47 -1.41 -15.96
SE MSE A 283 -14.15 0.12 -14.98
CE MSE A 283 -13.85 1.46 -16.14
N PRO A 284 -17.83 -2.79 -17.57
CA PRO A 284 -18.55 -2.06 -18.62
C PRO A 284 -18.32 -0.55 -18.51
N LEU A 285 -18.25 0.12 -19.65
CA LEU A 285 -18.09 1.58 -19.68
C LEU A 285 -19.48 2.14 -19.54
N ILE A 286 -19.71 2.99 -18.55
CA ILE A 286 -21.03 3.55 -18.32
C ILE A 286 -21.07 5.08 -18.39
N GLY A 287 -22.28 5.63 -18.20
CA GLY A 287 -22.46 7.07 -18.21
C GLY A 287 -22.44 7.67 -19.61
N ASP A 288 -22.35 8.99 -19.66
CA ASP A 288 -22.33 9.70 -20.93
C ASP A 288 -20.95 10.11 -21.40
N HIS A 289 -19.94 9.75 -20.64
CA HIS A 289 -18.55 10.07 -21.00
C HIS A 289 -17.79 8.81 -21.43
N GLN A 290 -18.52 7.93 -22.13
CA GLN A 290 -17.99 6.66 -22.60
C GLN A 290 -16.88 6.79 -23.62
N ASP A 291 -16.90 7.87 -24.39
CA ASP A 291 -15.86 8.14 -25.38
C ASP A 291 -14.58 8.65 -24.69
N GLU A 292 -14.73 9.28 -23.52
CA GLU A 292 -13.59 9.75 -22.74
C GLU A 292 -12.88 8.52 -22.18
N ASP A 293 -13.67 7.64 -21.56
CA ASP A 293 -13.15 6.39 -21.00
C ASP A 293 -12.40 5.61 -22.08
N LYS A 294 -13.05 5.46 -23.23
CA LYS A 294 -12.47 4.74 -24.38
C LYS A 294 -11.16 5.35 -24.82
N GLN A 295 -11.11 6.68 -24.86
CA GLN A 295 -9.88 7.35 -25.25
C GLN A 295 -8.76 7.20 -24.20
N LEU A 296 -9.16 7.10 -22.94
CA LEU A 296 -8.23 6.95 -21.83
C LEU A 296 -7.61 5.56 -21.87
N ILE A 297 -8.44 4.57 -22.21
CA ILE A 297 -7.96 3.20 -22.31
C ILE A 297 -6.94 3.11 -23.44
N VAL A 298 -7.18 3.84 -24.53
CA VAL A 298 -6.29 3.86 -25.67
C VAL A 298 -4.92 4.43 -25.31
N GLU A 299 -4.93 5.56 -24.59
CA GLU A 299 -3.67 6.20 -24.21
C GLU A 299 -2.90 5.31 -23.25
N LEU A 300 -3.64 4.65 -22.37
CA LEU A 300 -3.05 3.75 -21.41
C LEU A 300 -2.33 2.61 -22.14
N VAL A 301 -3.09 1.91 -23.00
CA VAL A 301 -2.56 0.79 -23.76
C VAL A 301 -1.36 1.18 -24.61
N VAL A 302 -1.49 2.26 -25.38
CA VAL A 302 -0.40 2.73 -26.24
C VAL A 302 0.90 2.94 -25.48
N ASN A 303 0.76 3.56 -24.32
CA ASN A 303 1.88 3.87 -23.42
C ASN A 303 2.55 2.58 -22.95
N LYS A 304 1.75 1.57 -22.62
CA LYS A 304 2.26 0.28 -22.17
C LYS A 304 2.96 -0.44 -23.31
N MSE A 305 2.42 -0.32 -24.52
CA MSE A 305 3.01 -0.95 -25.71
C MSE A 305 4.38 -0.38 -26.02
O MSE A 305 5.28 -1.09 -26.48
CB MSE A 305 2.10 -0.74 -26.91
CG MSE A 305 0.82 -1.50 -26.87
SE MSE A 305 -0.30 -1.51 -28.35
CE MSE A 305 0.54 -2.75 -29.56
N ALA A 306 4.53 0.93 -25.80
CA ALA A 306 5.80 1.61 -26.04
C ALA A 306 6.85 1.19 -25.03
N GLN A 307 6.47 1.12 -23.77
CA GLN A 307 7.41 0.75 -22.74
C GLN A 307 7.58 -0.74 -22.64
N ALA A 308 6.82 -1.50 -23.43
CA ALA A 308 6.96 -2.94 -23.41
C ALA A 308 8.18 -3.31 -24.28
N GLY B 1 29.59 -23.85 25.81
CA GLY B 1 28.93 -25.03 25.16
C GLY B 1 28.66 -24.64 23.74
N ALA B 2 27.40 -24.35 23.44
CA ALA B 2 26.98 -23.93 22.11
C ALA B 2 26.99 -22.39 22.11
N ALA B 3 27.62 -21.79 21.10
CA ALA B 3 27.71 -20.32 21.00
C ALA B 3 26.35 -19.63 21.01
N ALA B 4 26.34 -18.38 21.47
CA ALA B 4 25.13 -17.56 21.54
C ALA B 4 25.08 -16.63 20.33
N ARG B 5 23.88 -16.24 19.90
CA ARG B 5 23.79 -15.29 18.79
C ARG B 5 23.96 -13.94 19.45
N VAL B 6 24.84 -13.12 18.90
CA VAL B 6 25.09 -11.81 19.47
C VAL B 6 24.18 -10.71 18.90
N LEU B 7 23.47 -10.01 19.78
CA LEU B 7 22.63 -8.89 19.37
C LEU B 7 23.28 -7.57 19.81
N LEU B 8 23.50 -6.67 18.86
CA LEU B 8 24.07 -5.38 19.22
C LEU B 8 22.91 -4.41 19.31
N VAL B 9 22.80 -3.71 20.44
CA VAL B 9 21.77 -2.71 20.62
C VAL B 9 22.42 -1.36 20.73
N ILE B 10 22.13 -0.50 19.76
CA ILE B 10 22.67 0.87 19.78
C ILE B 10 21.67 1.82 20.51
N ASP B 11 22.00 2.17 21.74
CA ASP B 11 21.12 3.00 22.53
C ASP B 11 21.95 3.61 23.67
N GLU B 12 21.37 4.63 24.29
CA GLU B 12 21.99 5.27 25.43
C GLU B 12 21.86 4.23 26.56
N PRO B 13 22.70 4.37 27.61
CA PRO B 13 22.69 3.44 28.76
C PRO B 13 21.41 3.38 29.62
N HIS B 14 20.54 4.39 29.54
CA HIS B 14 19.31 4.39 30.36
C HIS B 14 18.44 3.14 30.35
N THR B 15 18.44 2.38 29.26
CA THR B 15 17.65 1.14 29.21
C THR B 15 18.52 -0.11 29.21
N ASP B 16 18.27 -1.00 30.17
CA ASP B 16 19.04 -2.25 30.26
C ASP B 16 18.42 -3.29 29.34
N TRP B 17 18.84 -3.32 28.07
CA TRP B 17 18.25 -4.28 27.13
C TRP B 17 18.56 -5.75 27.41
N ALA B 18 19.73 -6.00 28.01
CA ALA B 18 20.14 -7.36 28.37
C ALA B 18 19.13 -8.00 29.30
N LYS B 19 18.52 -7.17 30.15
CA LYS B 19 17.53 -7.65 31.11
C LYS B 19 16.23 -8.09 30.47
N TYR B 20 15.76 -7.36 29.45
CA TYR B 20 14.50 -7.70 28.78
C TYR B 20 14.69 -8.85 27.81
N PHE B 21 15.95 -9.09 27.41
CA PHE B 21 16.27 -10.20 26.52
C PHE B 21 16.68 -11.47 27.24
N LYS B 22 17.00 -11.37 28.53
CA LYS B 22 17.43 -12.52 29.32
C LYS B 22 16.49 -13.73 29.28
N GLY B 23 17.05 -14.92 28.98
CA GLY B 23 16.26 -16.12 28.93
C GLY B 23 15.57 -16.35 27.59
N LYS B 24 15.51 -15.31 26.76
CA LYS B 24 14.88 -15.40 25.44
C LYS B 24 15.81 -16.22 24.54
N LYS B 25 15.25 -17.23 23.89
CA LYS B 25 16.01 -18.11 23.02
C LYS B 25 15.42 -18.27 21.63
N ILE B 26 16.31 -18.39 20.66
CA ILE B 26 15.97 -18.55 19.26
C ILE B 26 15.64 -20.02 18.95
N HIS B 27 14.43 -20.26 18.44
CA HIS B 27 13.96 -21.62 18.11
C HIS B 27 13.82 -22.43 19.41
N GLY B 28 13.79 -21.72 20.54
CA GLY B 28 13.70 -22.34 21.85
C GLY B 28 14.99 -23.05 22.25
N GLU B 29 16.05 -22.85 21.45
CA GLU B 29 17.34 -23.48 21.71
C GLU B 29 18.48 -22.50 21.95
N ILE B 30 18.76 -21.70 20.93
CA ILE B 30 19.87 -20.76 20.93
C ILE B 30 19.75 -19.56 21.84
N ASP B 31 20.83 -19.34 22.60
CA ASP B 31 20.91 -18.22 23.51
C ASP B 31 21.36 -16.93 22.79
N ILE B 32 20.95 -15.81 23.39
CA ILE B 32 21.24 -14.49 22.87
C ILE B 32 22.12 -13.71 23.83
N LYS B 33 23.23 -13.20 23.33
CA LYS B 33 24.09 -12.36 24.14
C LYS B 33 23.84 -10.94 23.64
N VAL B 34 23.45 -10.06 24.56
CA VAL B 34 23.15 -8.68 24.23
C VAL B 34 24.30 -7.72 24.51
N GLU B 35 24.82 -7.07 23.48
CA GLU B 35 25.88 -6.07 23.61
C GLU B 35 25.18 -4.75 23.42
N GLN B 36 25.51 -3.78 24.24
CA GLN B 36 24.89 -2.47 24.14
C GLN B 36 25.88 -1.37 24.21
N ALA B 37 25.79 -0.46 23.25
CA ALA B 37 26.69 0.70 23.20
C ALA B 37 25.96 1.83 22.47
N GLU B 38 26.64 2.97 22.36
CA GLU B 38 26.09 4.12 21.65
C GLU B 38 26.87 4.28 20.34
N PHE B 39 26.27 4.91 19.33
CA PHE B 39 26.93 5.13 18.04
C PHE B 39 28.31 5.75 18.17
N SER B 40 28.42 6.78 19.02
CA SER B 40 29.66 7.51 19.19
C SER B 40 30.80 6.54 19.51
N ASP B 41 30.51 5.63 20.43
CA ASP B 41 31.44 4.62 20.90
C ASP B 41 31.61 3.43 19.95
N LEU B 42 31.43 3.61 18.65
CA LEU B 42 31.54 2.45 17.76
C LEU B 42 32.30 2.70 16.46
N ASN B 43 33.01 1.68 16.01
CA ASN B 43 33.72 1.74 14.73
C ASN B 43 33.67 0.35 14.10
N LEU B 44 33.97 0.24 12.82
CA LEU B 44 33.87 -1.07 12.20
C LEU B 44 34.66 -1.10 10.93
N VAL B 45 34.86 -2.31 10.41
CA VAL B 45 35.57 -2.54 9.15
C VAL B 45 34.72 -3.61 8.51
N ALA B 46 34.40 -3.46 7.23
CA ALA B 46 33.56 -4.43 6.55
C ALA B 46 34.18 -4.77 5.22
N HIS B 47 34.16 -6.06 4.85
CA HIS B 47 34.73 -6.53 3.61
C HIS B 47 33.59 -7.10 2.79
N ALA B 48 33.67 -6.96 1.48
CA ALA B 48 32.65 -7.46 0.55
C ALA B 48 32.52 -9.00 0.57
N ASN B 49 33.54 -9.67 1.09
CA ASN B 49 33.50 -11.14 1.17
C ASN B 49 32.73 -11.61 2.39
N GLY B 50 32.24 -10.67 3.19
CA GLY B 50 31.47 -11.06 4.35
C GLY B 50 32.22 -10.92 5.64
N GLY B 51 33.53 -10.79 5.57
CA GLY B 51 34.29 -10.60 6.81
C GLY B 51 33.99 -9.22 7.42
N PHE B 52 33.97 -9.09 8.75
CA PHE B 52 33.72 -7.79 9.37
C PHE B 52 34.06 -7.79 10.87
N SER B 53 33.98 -6.60 11.48
CA SER B 53 34.22 -6.47 12.90
C SER B 53 33.63 -5.18 13.45
N VAL B 54 32.81 -5.29 14.49
CA VAL B 54 32.25 -4.09 15.10
C VAL B 54 32.88 -3.94 16.47
N ASP B 55 33.81 -3.00 16.58
CA ASP B 55 34.55 -2.72 17.81
C ASP B 55 33.86 -1.68 18.67
N MSE B 56 33.90 -1.90 19.98
CA MSE B 56 33.29 -1.01 20.95
C MSE B 56 34.40 -0.26 21.72
O MSE B 56 35.54 -0.74 21.83
CB MSE B 56 32.46 -1.83 21.91
CG MSE B 56 31.39 -1.10 22.62
SE MSE B 56 30.30 -2.15 23.69
CE MSE B 56 30.54 -1.46 25.46
N GLU B 57 34.06 0.92 22.23
CA GLU B 57 35.03 1.71 22.96
C GLU B 57 34.35 2.55 24.04
N VAL B 58 33.27 2.04 24.62
CA VAL B 58 32.57 2.80 25.66
C VAL B 58 33.55 3.08 26.80
N LEU B 59 34.04 4.32 26.83
CA LEU B 59 34.99 4.77 27.84
C LEU B 59 34.35 4.96 29.22
N ARG B 60 33.66 3.92 29.68
CA ARG B 60 33.02 3.98 30.99
C ARG B 60 34.02 3.54 32.04
N ASN B 61 34.56 4.53 32.76
CA ASN B 61 35.54 4.31 33.81
C ASN B 61 36.92 3.98 33.25
N GLY B 62 36.99 2.96 32.40
CA GLY B 62 38.26 2.58 31.79
C GLY B 62 38.59 3.44 30.59
N VAL B 63 39.82 3.94 30.55
CA VAL B 63 40.26 4.79 29.45
C VAL B 63 40.74 3.97 28.25
N LYS B 64 40.40 4.43 27.05
CA LYS B 64 40.78 3.78 25.80
C LYS B 64 40.48 2.28 25.78
N VAL B 65 39.31 1.90 26.28
CA VAL B 65 38.92 0.50 26.34
C VAL B 65 38.17 0.02 25.10
N VAL B 66 38.81 -0.89 24.36
CA VAL B 66 38.20 -1.48 23.16
C VAL B 66 37.86 -2.96 23.36
N ARG B 67 36.59 -3.32 23.22
CA ARG B 67 36.11 -4.68 23.34
C ARG B 67 35.50 -4.99 21.98
N SER B 68 36.11 -5.89 21.21
CA SER B 68 35.59 -6.21 19.89
C SER B 68 34.47 -7.23 19.94
N LEU B 69 33.50 -7.10 19.02
CA LEU B 69 32.35 -8.00 18.94
C LEU B 69 31.99 -8.33 17.51
N LYS B 70 31.09 -9.29 17.37
CA LYS B 70 30.64 -9.69 16.04
C LYS B 70 29.13 -9.90 16.21
N PRO B 71 28.35 -8.88 15.83
CA PRO B 71 26.89 -8.88 15.92
C PRO B 71 26.24 -9.71 14.82
N ASP B 72 25.22 -10.48 15.21
CA ASP B 72 24.44 -11.28 14.27
C ASP B 72 23.21 -10.47 13.88
N PHE B 73 22.88 -9.48 14.71
CA PHE B 73 21.73 -8.64 14.50
C PHE B 73 21.96 -7.31 15.24
N VAL B 74 21.24 -6.26 14.82
CA VAL B 74 21.33 -4.94 15.41
C VAL B 74 19.92 -4.36 15.68
N LEU B 75 19.77 -3.67 16.80
CA LEU B 75 18.53 -3.00 17.19
C LEU B 75 18.94 -1.55 17.34
N ILE B 76 18.46 -0.70 16.44
CA ILE B 76 18.83 0.70 16.49
C ILE B 76 17.76 1.55 17.16
N ARG B 77 18.06 1.98 18.38
CA ARG B 77 17.17 2.76 19.22
C ARG B 77 17.69 4.18 19.41
N GLN B 78 18.68 4.58 18.63
CA GLN B 78 19.26 5.90 18.78
C GLN B 78 19.26 6.62 17.42
N HIS B 79 19.08 7.95 17.45
CA HIS B 79 19.03 8.75 16.21
C HIS B 79 20.42 8.85 15.57
N ALA B 80 20.53 8.34 14.34
CA ALA B 80 21.80 8.29 13.59
C ALA B 80 22.45 9.59 13.09
N PHE B 81 21.77 10.73 13.22
CA PHE B 81 22.36 11.99 12.74
C PHE B 81 21.95 13.25 13.51
N SER B 82 22.80 14.28 13.44
CA SER B 82 22.56 15.61 14.05
C SER B 82 23.53 16.68 13.53
N MSE B 83 23.00 17.85 13.20
CA MSE B 83 23.85 18.92 12.71
C MSE B 83 24.52 19.66 13.85
O MSE B 83 24.50 20.89 13.93
CB MSE B 83 23.09 19.86 11.76
CG MSE B 83 22.66 19.14 10.50
SE MSE B 83 22.27 19.93 8.88
CE MSE B 83 23.66 19.40 7.75
N ALA B 84 25.14 18.89 14.73
CA ALA B 84 25.85 19.38 15.90
C ALA B 84 27.09 18.50 15.98
N ARG B 85 28.17 19.02 16.57
CA ARG B 85 29.41 18.27 16.68
C ARG B 85 29.20 16.84 17.19
N ASN B 86 29.77 15.88 16.47
CA ASN B 86 29.70 14.45 16.78
C ASN B 86 28.31 13.88 16.49
N GLY B 87 27.62 14.44 15.51
CA GLY B 87 26.28 13.97 15.19
C GLY B 87 26.10 13.07 13.97
N ASP B 88 27.18 12.75 13.26
CA ASP B 88 27.08 11.89 12.07
C ASP B 88 27.51 10.41 12.24
N TYR B 89 26.52 9.53 12.17
CA TYR B 89 26.75 8.12 12.29
C TYR B 89 26.22 7.45 11.03
N ARG B 90 26.13 8.25 9.99
CA ARG B 90 25.66 7.76 8.71
C ARG B 90 26.69 6.76 8.12
N SER B 91 27.99 7.02 8.28
CA SER B 91 29.01 6.13 7.77
C SER B 91 28.94 4.79 8.49
N LEU B 92 28.59 4.80 9.79
CA LEU B 92 28.48 3.54 10.53
C LEU B 92 27.31 2.76 9.99
N VAL B 93 26.19 3.45 9.74
CA VAL B 93 25.02 2.79 9.17
C VAL B 93 25.42 2.17 7.83
N ILE B 94 26.16 2.92 7.02
CA ILE B 94 26.63 2.41 5.74
C ILE B 94 27.55 1.18 5.98
N GLY B 95 28.37 1.24 7.03
CA GLY B 95 29.28 0.14 7.33
C GLY B 95 28.49 -1.09 7.76
N LEU B 96 27.45 -0.90 8.56
CA LEU B 96 26.64 -2.02 8.98
C LEU B 96 25.95 -2.65 7.76
N GLN B 97 25.45 -1.84 6.83
CA GLN B 97 24.82 -2.39 5.64
C GLN B 97 25.85 -3.13 4.77
N TYR B 98 27.03 -2.52 4.63
CA TYR B 98 28.13 -3.10 3.88
C TYR B 98 28.48 -4.50 4.47
N ALA B 99 28.32 -4.63 5.79
CA ALA B 99 28.60 -5.89 6.47
C ALA B 99 27.45 -6.90 6.37
N GLY B 100 26.34 -6.48 5.76
CA GLY B 100 25.19 -7.36 5.62
C GLY B 100 24.52 -7.73 6.92
N ILE B 101 24.66 -6.92 7.97
CA ILE B 101 24.05 -7.25 9.26
C ILE B 101 22.57 -6.86 9.31
N PRO B 102 21.66 -7.83 9.61
CA PRO B 102 20.21 -7.63 9.69
C PRO B 102 19.91 -6.61 10.81
N SER B 103 18.88 -5.79 10.64
CA SER B 103 18.57 -4.75 11.61
C SER B 103 17.09 -4.45 11.80
N ILE B 104 16.79 -3.77 12.92
CA ILE B 104 15.45 -3.29 13.23
C ILE B 104 15.62 -1.90 13.83
N ASN B 105 15.17 -0.85 13.12
CA ASN B 105 14.52 -0.96 11.81
C ASN B 105 15.59 -1.30 10.76
N SER B 106 15.17 -1.56 9.52
CA SER B 106 16.10 -1.93 8.48
C SER B 106 17.15 -0.83 8.36
N LEU B 107 18.37 -1.22 7.96
CA LEU B 107 19.44 -0.24 7.81
C LEU B 107 19.06 0.73 6.72
N HIS B 108 18.34 0.23 5.71
CA HIS B 108 17.88 1.07 4.63
C HIS B 108 17.02 2.23 5.17
N SER B 109 16.07 1.93 6.05
CA SER B 109 15.21 2.97 6.59
C SER B 109 15.97 3.93 7.50
N VAL B 110 16.86 3.37 8.31
CA VAL B 110 17.66 4.17 9.23
C VAL B 110 18.51 5.19 8.47
N TYR B 111 19.13 4.75 7.37
CA TYR B 111 19.94 5.61 6.55
C TYR B 111 19.07 6.72 5.92
N ASN B 112 17.89 6.33 5.42
CA ASN B 112 16.98 7.25 4.77
C ASN B 112 16.30 8.16 5.74
N PHE B 113 16.38 7.84 7.01
CA PHE B 113 15.77 8.68 8.03
C PHE B 113 16.74 9.78 8.47
N CYS B 114 17.93 9.81 7.88
CA CYS B 114 18.90 10.83 8.26
C CYS B 114 18.54 12.26 7.91
N ASP B 115 17.65 12.47 6.95
CA ASP B 115 17.23 13.83 6.61
C ASP B 115 15.74 13.92 6.89
N LYS B 116 15.33 14.60 7.96
CA LYS B 116 13.91 14.71 8.28
C LYS B 116 12.99 15.11 7.12
N PRO B 117 13.35 16.15 6.35
CA PRO B 117 12.50 16.57 5.22
C PRO B 117 12.42 15.49 4.13
N TRP B 118 13.41 14.59 4.06
CA TRP B 118 13.40 13.50 3.07
C TRP B 118 12.31 12.52 3.53
N VAL B 119 12.22 12.35 4.84
CA VAL B 119 11.20 11.50 5.42
C VAL B 119 9.85 12.17 5.22
N PHE B 120 9.83 13.48 5.39
CA PHE B 120 8.60 14.23 5.25
C PHE B 120 8.12 14.14 3.81
N ALA B 121 9.06 14.21 2.88
CA ALA B 121 8.74 14.12 1.45
C ALA B 121 7.88 12.86 1.16
N GLN B 122 8.07 11.79 1.94
CA GLN B 122 7.33 10.54 1.73
C GLN B 122 5.87 10.77 2.13
N MSE B 123 5.70 11.51 3.22
CA MSE B 123 4.39 11.82 3.74
C MSE B 123 3.62 12.74 2.81
O MSE B 123 2.39 12.72 2.76
CB MSE B 123 4.52 12.43 5.12
CG MSE B 123 4.84 11.43 6.19
SE MSE B 123 4.31 11.90 7.91
CE MSE B 123 5.22 13.49 8.20
N VAL B 124 4.36 13.59 2.10
CA VAL B 124 3.76 14.51 1.15
C VAL B 124 3.12 13.68 0.04
N ARG B 125 3.80 12.63 -0.41
CA ARG B 125 3.25 11.76 -1.43
C ARG B 125 1.97 11.05 -0.94
N LEU B 126 1.98 10.60 0.31
CA LEU B 126 0.82 9.91 0.91
C LEU B 126 -0.32 10.89 1.02
N HIS B 127 0.01 12.11 1.40
CA HIS B 127 -0.96 13.16 1.55
C HIS B 127 -1.56 13.48 0.20
N LYS B 128 -0.73 13.55 -0.84
CA LYS B 128 -1.23 13.86 -2.14
C LYS B 128 -2.14 12.76 -2.62
N LYS B 129 -1.80 11.51 -2.30
CA LYS B 129 -2.66 10.42 -2.73
C LYS B 129 -3.96 10.28 -1.92
N LEU B 130 -3.84 10.30 -0.61
CA LEU B 130 -4.99 10.12 0.26
C LEU B 130 -5.94 11.32 0.38
N GLY B 131 -5.39 12.52 0.34
CA GLY B 131 -6.21 13.72 0.48
C GLY B 131 -6.32 14.14 1.94
N THR B 132 -6.60 15.42 2.17
CA THR B 132 -6.71 15.95 3.53
C THR B 132 -7.75 15.28 4.43
N GLU B 133 -8.87 14.90 3.85
CA GLU B 133 -9.92 14.26 4.63
C GLU B 133 -9.47 12.90 5.18
N GLU B 134 -8.50 12.28 4.54
CA GLU B 134 -8.00 10.99 5.02
C GLU B 134 -6.67 11.13 5.77
N PHE B 135 -5.77 11.98 5.27
CA PHE B 135 -4.43 12.15 5.82
C PHE B 135 -4.10 13.65 5.84
N PRO B 136 -4.47 14.36 6.92
CA PRO B 136 -4.26 15.81 7.13
C PRO B 136 -2.83 16.27 7.50
N LEU B 137 -1.91 16.19 6.55
CA LEU B 137 -0.54 16.58 6.78
C LEU B 137 -0.41 18.09 6.88
N ILE B 138 0.36 18.58 7.86
CA ILE B 138 0.56 20.03 8.03
C ILE B 138 1.21 20.64 6.77
N ASN B 139 0.82 21.84 6.38
CA ASN B 139 1.40 22.45 5.17
C ASN B 139 2.75 23.10 5.35
N GLN B 140 3.76 22.24 5.43
CA GLN B 140 5.15 22.62 5.61
C GLN B 140 5.84 23.01 4.30
N THR B 141 6.89 23.83 4.40
CA THR B 141 7.65 24.33 3.25
C THR B 141 9.12 23.98 3.43
N PHE B 142 9.74 23.45 2.39
CA PHE B 142 11.15 23.05 2.42
C PHE B 142 11.97 24.08 1.64
N TYR B 143 13.13 24.46 2.22
CA TYR B 143 14.05 25.39 1.58
C TYR B 143 15.40 24.67 1.55
N PRO B 144 15.93 24.30 0.39
CA PRO B 144 17.23 23.59 0.32
C PRO B 144 18.34 24.36 0.97
N ASN B 145 18.06 25.61 1.32
CA ASN B 145 18.98 26.50 2.00
C ASN B 145 18.28 27.85 2.18
N HIS B 146 19.04 28.81 2.71
CA HIS B 146 18.57 30.17 3.00
C HIS B 146 18.28 31.18 1.85
N LYS B 147 18.78 30.93 0.64
CA LYS B 147 18.58 31.90 -0.44
C LYS B 147 17.15 32.28 -0.86
N GLU B 148 16.24 31.32 -0.84
CA GLU B 148 14.86 31.62 -1.25
C GLU B 148 13.97 32.06 -0.10
N MSE B 149 14.54 32.17 1.10
CA MSE B 149 13.81 32.57 2.30
C MSE B 149 13.60 34.08 2.39
O MSE B 149 14.16 34.75 3.28
CB MSE B 149 14.53 32.09 3.59
CG MSE B 149 14.48 30.58 3.85
SE MSE B 149 15.31 29.71 5.33
CE MSE B 149 14.18 30.00 6.74
N LEU B 150 12.81 34.65 1.47
CA LEU B 150 12.53 36.07 1.46
C LEU B 150 11.43 36.31 2.47
N SER B 151 10.36 35.53 2.35
CA SER B 151 9.20 35.63 3.22
C SER B 151 8.42 34.32 3.36
N SER B 152 7.37 34.34 4.17
CA SER B 152 6.45 33.20 4.41
C SER B 152 5.08 33.81 4.14
N THR B 153 4.14 33.00 3.71
CA THR B 153 2.81 33.54 3.46
C THR B 153 2.07 33.87 4.77
N THR B 154 2.23 33.04 5.78
CA THR B 154 1.58 33.29 7.07
C THR B 154 2.59 33.26 8.19
N TYR B 155 2.33 34.10 9.20
CA TYR B 155 3.13 34.25 10.42
C TYR B 155 2.12 34.16 11.55
N PRO B 156 2.51 33.64 12.74
CA PRO B 156 3.82 33.12 13.14
C PRO B 156 4.14 31.89 12.29
N VAL B 157 5.36 31.42 12.41
CA VAL B 157 5.76 30.27 11.64
C VAL B 157 6.88 29.63 12.40
N VAL B 158 6.87 28.31 12.44
CA VAL B 158 7.91 27.58 13.13
C VAL B 158 8.93 27.19 12.09
N VAL B 159 10.17 27.62 12.31
CA VAL B 159 11.26 27.32 11.41
C VAL B 159 12.09 26.21 12.02
N LYS B 160 12.21 25.09 11.32
CA LYS B 160 12.98 23.93 11.76
C LYS B 160 14.28 23.87 10.94
N MSE B 161 15.41 23.86 11.64
CA MSE B 161 16.70 23.83 10.99
C MSE B 161 17.39 22.52 10.78
O MSE B 161 17.49 21.72 11.71
CB MSE B 161 17.64 24.75 11.70
CG MSE B 161 17.53 26.11 11.13
SE MSE B 161 18.24 27.46 12.01
CE MSE B 161 16.84 28.15 13.11
N GLY B 162 17.90 22.36 9.56
CA GLY B 162 18.64 21.19 9.11
C GLY B 162 18.35 19.99 9.94
N HIS B 163 19.36 19.45 10.60
CA HIS B 163 19.12 18.27 11.41
C HIS B 163 19.17 18.52 12.92
N ALA B 164 17.99 18.75 13.47
CA ALA B 164 17.82 18.95 14.90
C ALA B 164 16.92 17.79 15.33
N HIS B 165 16.41 17.82 16.56
CA HIS B 165 15.57 16.73 17.08
C HIS B 165 15.21 17.04 18.54
N SER B 166 14.42 16.16 19.17
CA SER B 166 13.99 16.34 20.56
C SER B 166 13.44 17.76 20.73
N GLY B 167 12.79 18.25 19.68
CA GLY B 167 12.20 19.58 19.68
C GLY B 167 13.20 20.74 19.62
N MSE B 168 14.44 20.45 19.23
CA MSE B 168 15.49 21.44 19.15
C MSE B 168 15.61 22.00 17.74
O MSE B 168 14.98 21.48 16.82
CB MSE B 168 16.83 20.86 19.57
CG MSE B 168 16.79 20.23 20.95
SE MSE B 168 18.27 19.81 21.99
CE MSE B 168 18.24 21.08 23.45
N GLY B 169 16.41 23.04 17.60
CA GLY B 169 16.58 23.65 16.30
C GLY B 169 15.30 24.24 15.76
N LYS B 170 14.34 24.43 16.67
CA LYS B 170 13.03 25.00 16.36
C LYS B 170 13.01 26.44 16.80
N VAL B 171 12.43 27.28 15.97
CA VAL B 171 12.34 28.70 16.26
C VAL B 171 11.01 29.24 15.77
N LYS B 172 10.22 29.89 16.62
CA LYS B 172 8.96 30.47 16.16
C LYS B 172 9.19 31.95 15.84
N VAL B 173 9.05 32.33 14.58
CA VAL B 173 9.25 33.71 14.14
C VAL B 173 7.87 34.36 13.98
N ASP B 174 7.73 35.62 14.37
CA ASP B 174 6.44 36.29 14.29
C ASP B 174 6.24 37.31 13.19
N ASN B 175 7.31 37.79 12.59
CA ASN B 175 7.17 38.80 11.57
C ASN B 175 8.26 38.76 10.52
N GLN B 176 8.03 39.45 9.41
CA GLN B 176 8.93 39.55 8.28
C GLN B 176 10.39 39.83 8.66
N HIS B 177 10.60 40.81 9.54
CA HIS B 177 11.95 41.18 9.98
C HIS B 177 12.68 40.07 10.76
N ASP B 178 12.02 39.53 11.77
CA ASP B 178 12.58 38.44 12.58
C ASP B 178 12.86 37.21 11.70
N PHE B 179 12.02 37.03 10.68
CA PHE B 179 12.16 35.90 9.74
C PHE B 179 13.48 36.07 9.00
N GLN B 180 13.78 37.30 8.59
CA GLN B 180 15.03 37.55 7.89
C GLN B 180 16.27 37.31 8.74
N ASP B 181 16.13 37.47 10.05
CA ASP B 181 17.24 37.21 10.99
C ASP B 181 17.53 35.72 11.01
N ILE B 182 16.49 34.93 11.19
CA ILE B 182 16.61 33.48 11.22
C ILE B 182 17.13 32.98 9.89
N ALA B 183 16.79 33.67 8.79
CA ALA B 183 17.23 33.29 7.45
C ALA B 183 18.75 33.31 7.35
N SER B 184 19.36 34.29 8.01
CA SER B 184 20.82 34.43 8.06
C SER B 184 21.41 33.33 8.93
N VAL B 185 20.72 32.97 10.02
CA VAL B 185 21.17 31.91 10.91
C VAL B 185 21.15 30.60 10.15
N VAL B 186 20.16 30.44 9.27
CA VAL B 186 20.06 29.24 8.47
C VAL B 186 21.27 29.19 7.50
N ALA B 187 21.69 30.35 7.01
CA ALA B 187 22.83 30.41 6.11
C ALA B 187 24.07 29.92 6.84
N LEU B 188 24.16 30.26 8.11
CA LEU B 188 25.29 29.89 8.96
C LEU B 188 25.28 28.42 9.32
N THR B 189 24.30 27.67 8.84
CA THR B 189 24.26 26.23 9.09
C THR B 189 24.65 25.54 7.78
N LYS B 190 24.74 26.32 6.69
CA LYS B 190 25.07 25.79 5.38
C LYS B 190 24.22 24.55 5.04
N THR B 191 23.02 24.48 5.63
CA THR B 191 22.09 23.38 5.43
C THR B 191 20.65 23.88 5.22
N TYR B 192 19.76 22.97 4.82
CA TYR B 192 18.36 23.27 4.54
C TYR B 192 17.53 23.55 5.78
N ALA B 193 16.29 24.01 5.59
CA ALA B 193 15.37 24.27 6.71
C ALA B 193 13.95 24.14 6.17
N THR B 194 12.99 24.00 7.09
CA THR B 194 11.56 23.97 6.73
C THR B 194 10.87 25.01 7.62
N THR B 195 9.70 25.47 7.17
CA THR B 195 8.84 26.42 7.91
C THR B 195 7.42 25.85 7.81
N GLU B 196 6.61 26.07 8.83
CA GLU B 196 5.25 25.57 8.84
C GLU B 196 4.45 26.53 9.68
N PRO B 197 3.17 26.74 9.34
CA PRO B 197 2.29 27.64 10.09
C PRO B 197 2.27 27.18 11.54
N PHE B 198 2.30 28.14 12.45
CA PHE B 198 2.27 27.80 13.84
C PHE B 198 0.84 27.31 14.08
N ILE B 199 0.71 26.25 14.86
CA ILE B 199 -0.61 25.70 15.14
C ILE B 199 -0.74 25.75 16.63
N ASP B 200 -1.55 26.69 17.10
CA ASP B 200 -1.82 26.84 18.53
C ASP B 200 -2.58 25.55 18.76
N ALA B 201 -2.04 24.66 19.57
CA ALA B 201 -2.68 23.36 19.76
C ALA B 201 -3.36 23.07 21.10
N LYS B 202 -4.47 22.33 21.03
CA LYS B 202 -5.26 21.92 22.18
C LYS B 202 -4.56 20.73 22.84
N TYR B 203 -4.19 19.75 22.01
CA TYR B 203 -3.45 18.57 22.46
C TYR B 203 -2.65 17.90 21.35
N ASP B 204 -1.68 17.08 21.75
CA ASP B 204 -0.82 16.31 20.82
C ASP B 204 -1.28 14.87 20.89
N VAL B 205 -1.09 14.13 19.79
CA VAL B 205 -1.46 12.71 19.74
C VAL B 205 -0.28 12.02 19.08
N ARG B 206 0.09 10.85 19.59
CA ARG B 206 1.14 10.07 18.95
C ARG B 206 0.56 8.67 18.77
N ILE B 207 0.51 8.22 17.52
CA ILE B 207 -0.02 6.90 17.20
C ILE B 207 1.22 6.06 16.88
N GLN B 208 1.44 5.01 17.66
CA GLN B 208 2.61 4.15 17.49
C GLN B 208 2.30 2.75 16.99
N LYS B 209 3.29 2.15 16.34
CA LYS B 209 3.13 0.81 15.78
C LYS B 209 4.42 0.04 15.96
N ILE B 210 4.34 -1.04 16.75
CA ILE B 210 5.47 -1.92 17.03
C ILE B 210 5.02 -3.28 16.54
N GLY B 211 5.57 -3.70 15.41
CA GLY B 211 5.15 -4.95 14.83
C GLY B 211 3.67 -4.77 14.48
N GLN B 212 2.82 -5.52 15.15
CA GLN B 212 1.37 -5.47 14.91
C GLN B 212 0.62 -4.90 16.13
N ASN B 213 1.35 -4.23 17.02
CA ASN B 213 0.71 -3.67 18.21
C ASN B 213 0.56 -2.17 18.03
N TYR B 214 -0.64 -1.66 18.30
CA TYR B 214 -0.90 -0.23 18.16
C TYR B 214 -1.28 0.37 19.50
N LYS B 215 -0.85 1.62 19.71
CA LYS B 215 -1.17 2.37 20.91
C LYS B 215 -1.23 3.81 20.49
N ALA B 216 -2.16 4.55 21.07
CA ALA B 216 -2.35 5.97 20.81
C ALA B 216 -2.33 6.67 22.16
N TYR B 217 -1.50 7.69 22.26
CA TYR B 217 -1.35 8.49 23.49
C TYR B 217 -1.73 9.95 23.19
N MSE B 218 -2.29 10.63 24.19
CA MSE B 218 -2.70 12.01 24.08
C MSE B 218 -1.82 12.85 25.02
O MSE B 218 -1.37 12.35 26.06
CB MSE B 218 -4.16 12.11 24.48
CG MSE B 218 -4.82 13.45 24.24
SE MSE B 218 -6.59 13.73 24.71
CE MSE B 218 -7.71 12.95 23.31
N ARG B 219 -1.61 14.13 24.68
CA ARG B 219 -0.76 15.04 25.47
C ARG B 219 -1.44 16.41 25.75
N LEU B 235 0.20 12.26 30.17
CA LEU B 235 -0.23 11.39 29.03
C LEU B 235 -1.46 10.55 29.32
N GLU B 236 -2.29 10.40 28.30
CA GLU B 236 -3.49 9.58 28.42
C GLU B 236 -3.60 8.67 27.18
N GLN B 237 -3.75 7.38 27.42
CA GLN B 237 -3.92 6.45 26.32
C GLN B 237 -5.38 6.53 25.89
N ILE B 238 -5.56 6.97 24.66
CA ILE B 238 -6.88 7.09 24.09
C ILE B 238 -7.04 5.86 23.26
N ALA B 239 -8.26 5.62 22.83
CA ALA B 239 -8.54 4.48 21.98
C ALA B 239 -8.07 4.73 20.53
N MSE B 240 -7.83 3.63 19.85
CA MSE B 240 -7.40 3.67 18.46
C MSE B 240 -8.62 3.77 17.58
O MSE B 240 -9.68 3.29 17.96
CB MSE B 240 -6.62 2.42 18.14
CG MSE B 240 -5.16 2.54 18.54
SE MSE B 240 -4.04 3.56 17.47
CE MSE B 240 -4.31 2.78 15.90
N SER B 241 -8.49 4.42 16.44
CA SER B 241 -9.61 4.55 15.55
C SER B 241 -9.07 4.14 14.19
N ASP B 242 -9.95 3.87 13.24
CA ASP B 242 -9.51 3.47 11.91
C ASP B 242 -8.75 4.62 11.26
N ARG B 243 -9.06 5.85 11.65
CA ARG B 243 -8.40 7.03 11.10
C ARG B 243 -6.96 7.01 11.59
N TYR B 244 -6.79 6.87 12.90
CA TYR B 244 -5.48 6.81 13.52
C TYR B 244 -4.63 5.67 12.93
N LYS B 245 -5.23 4.48 12.82
CA LYS B 245 -4.59 3.30 12.28
C LYS B 245 -4.11 3.55 10.84
N LEU B 246 -4.98 4.10 9.98
CA LEU B 246 -4.60 4.43 8.61
C LEU B 246 -3.34 5.35 8.57
N TRP B 247 -3.27 6.32 9.46
CA TRP B 247 -2.13 7.21 9.46
C TRP B 247 -0.84 6.46 9.72
N VAL B 248 -0.87 5.62 10.76
CA VAL B 248 0.33 4.90 11.15
C VAL B 248 0.66 3.73 10.25
N ASP B 249 -0.37 3.09 9.71
CA ASP B 249 -0.14 1.98 8.78
C ASP B 249 0.51 2.50 7.50
N THR B 250 0.01 3.61 6.98
CA THR B 250 0.57 4.13 5.75
C THR B 250 2.00 4.61 6.02
N CYS B 251 2.20 5.28 7.13
CA CYS B 251 3.54 5.76 7.48
C CYS B 251 4.53 4.61 7.67
N SER B 252 4.06 3.49 8.23
CA SER B 252 4.89 2.31 8.47
C SER B 252 5.34 1.59 7.19
N GLU B 253 4.81 1.97 6.04
CA GLU B 253 5.20 1.32 4.80
C GLU B 253 6.33 2.03 4.11
N ILE B 254 6.71 3.21 4.58
CA ILE B 254 7.78 3.97 3.92
C ILE B 254 9.15 3.29 4.01
N PHE B 255 10.01 3.62 3.06
CA PHE B 255 11.35 3.05 2.97
C PHE B 255 11.37 1.51 3.09
N GLY B 256 10.43 0.86 2.43
CA GLY B 256 10.36 -0.59 2.46
C GLY B 256 9.73 -1.19 3.71
N GLY B 257 9.29 -0.38 4.69
CA GLY B 257 8.66 -0.93 5.87
C GLY B 257 9.38 -0.61 7.17
N LEU B 258 8.67 -0.02 8.13
CA LEU B 258 9.24 0.36 9.42
C LEU B 258 8.60 -0.54 10.48
N ASP B 259 9.39 -1.34 11.18
CA ASP B 259 8.87 -2.27 12.20
C ASP B 259 8.46 -1.56 13.45
N ILE B 260 9.15 -0.47 13.75
CA ILE B 260 8.85 0.34 14.92
C ILE B 260 8.71 1.76 14.41
N CYS B 261 7.56 2.38 14.64
CA CYS B 261 7.37 3.78 14.21
C CYS B 261 6.17 4.42 14.90
N ALA B 262 6.00 5.72 14.70
CA ALA B 262 4.88 6.45 15.29
C ALA B 262 4.69 7.75 14.53
N VAL B 263 3.43 8.18 14.43
CA VAL B 263 3.07 9.43 13.78
C VAL B 263 2.69 10.44 14.85
N GLU B 264 3.28 11.62 14.77
CA GLU B 264 3.00 12.70 15.68
C GLU B 264 2.00 13.61 14.95
N ALA B 265 0.94 13.97 15.64
CA ALA B 265 -0.10 14.83 15.10
C ALA B 265 -0.64 15.78 16.18
N LEU B 266 -1.04 16.97 15.77
CA LEU B 266 -1.61 17.98 16.68
C LEU B 266 -3.09 18.07 16.44
N HIS B 267 -3.82 18.37 17.50
CA HIS B 267 -5.24 18.60 17.36
C HIS B 267 -5.31 20.10 17.68
N GLY B 268 -5.31 20.96 16.67
CA GLY B 268 -5.27 22.37 16.97
C GLY B 268 -6.41 22.93 17.79
N LYS B 269 -6.26 24.16 18.25
CA LYS B 269 -7.34 24.83 18.96
C LYS B 269 -8.49 24.96 17.93
N ASP B 270 -8.12 24.94 16.64
CA ASP B 270 -9.06 25.05 15.52
C ASP B 270 -10.02 23.87 15.40
N GLY B 271 -9.79 22.82 16.17
CA GLY B 271 -10.66 21.67 16.10
C GLY B 271 -10.43 20.73 14.93
N ARG B 272 -9.20 20.65 14.45
CA ARG B 272 -8.87 19.75 13.35
C ARG B 272 -7.56 19.07 13.70
N ASP B 273 -7.25 18.00 12.97
CA ASP B 273 -6.04 17.22 13.19
C ASP B 273 -4.96 17.66 12.22
N HIS B 274 -3.70 17.58 12.63
CA HIS B 274 -2.57 17.98 11.79
C HIS B 274 -1.44 16.96 11.93
N ILE B 275 -1.01 16.32 10.84
CA ILE B 275 0.09 15.36 10.93
C ILE B 275 1.38 16.13 10.81
N ILE B 276 2.25 15.95 11.79
CA ILE B 276 3.48 16.69 11.81
C ILE B 276 4.65 15.89 11.24
N GLU B 277 4.86 14.69 11.79
CA GLU B 277 6.00 13.86 11.38
C GLU B 277 5.86 12.39 11.79
N VAL B 278 6.79 11.58 11.29
CA VAL B 278 6.83 10.17 11.62
C VAL B 278 8.23 9.91 12.12
N VAL B 279 8.33 9.13 13.18
CA VAL B 279 9.61 8.79 13.76
C VAL B 279 9.83 7.30 13.58
N GLY B 280 11.10 6.90 13.50
CA GLY B 280 11.48 5.50 13.32
C GLY B 280 11.77 4.68 14.57
N SER B 281 12.70 3.73 14.46
CA SER B 281 13.06 2.83 15.59
C SER B 281 13.67 3.50 16.81
N SER B 282 14.09 4.75 16.67
CA SER B 282 14.66 5.46 17.79
C SER B 282 13.59 6.24 18.54
N MSE B 283 12.32 6.09 18.11
CA MSE B 283 11.21 6.80 18.74
C MSE B 283 11.22 6.51 20.25
O MSE B 283 11.34 5.36 20.67
CB MSE B 283 9.85 6.39 18.13
CG MSE B 283 9.35 5.05 18.55
SE MSE B 283 7.56 4.57 18.39
CE MSE B 283 7.27 3.22 19.60
N PRO B 284 11.09 7.56 21.07
CA PRO B 284 11.09 7.34 22.52
C PRO B 284 9.89 6.56 22.96
N LEU B 285 10.07 5.73 23.98
CA LEU B 285 8.95 4.93 24.53
C LEU B 285 8.30 5.84 25.55
N ILE B 286 6.99 6.05 25.44
CA ILE B 286 6.31 6.97 26.34
C ILE B 286 5.15 6.29 27.05
N GLY B 287 4.49 7.06 27.91
CA GLY B 287 3.35 6.57 28.65
C GLY B 287 3.72 5.61 29.78
N ASP B 288 2.74 4.79 30.17
CA ASP B 288 2.92 3.81 31.24
C ASP B 288 3.44 2.47 30.68
N HIS B 289 2.95 2.10 29.49
CA HIS B 289 3.32 0.83 28.85
C HIS B 289 4.71 0.73 28.25
N GLN B 290 5.68 1.43 28.85
CA GLN B 290 7.04 1.41 28.35
C GLN B 290 7.66 0.03 28.45
N ASP B 291 7.40 -0.70 29.54
CA ASP B 291 7.97 -2.03 29.69
C ASP B 291 7.32 -3.02 28.76
N GLU B 292 6.01 -2.93 28.60
CA GLU B 292 5.30 -3.80 27.70
C GLU B 292 5.78 -3.58 26.25
N ASP B 293 6.04 -2.33 25.87
CA ASP B 293 6.52 -2.01 24.52
C ASP B 293 7.98 -2.49 24.38
N LYS B 294 8.75 -2.42 25.47
CA LYS B 294 10.13 -2.91 25.42
C LYS B 294 10.09 -4.43 25.14
N GLN B 295 9.18 -5.14 25.78
CA GLN B 295 9.05 -6.56 25.55
C GLN B 295 8.51 -6.87 24.17
N LEU B 296 7.68 -5.97 23.63
CA LEU B 296 7.12 -6.15 22.29
C LEU B 296 8.29 -6.02 21.32
N ILE B 297 9.18 -5.07 21.61
CA ILE B 297 10.35 -4.87 20.77
C ILE B 297 11.25 -6.12 20.88
N VAL B 298 11.33 -6.71 22.08
CA VAL B 298 12.12 -7.92 22.30
C VAL B 298 11.56 -9.07 21.47
N GLU B 299 10.25 -9.28 21.55
CA GLU B 299 9.64 -10.38 20.80
C GLU B 299 9.85 -10.18 19.29
N LEU B 300 9.74 -8.95 18.85
CA LEU B 300 9.91 -8.63 17.46
C LEU B 300 11.31 -9.01 17.01
N VAL B 301 12.31 -8.47 17.69
CA VAL B 301 13.71 -8.70 17.39
C VAL B 301 14.06 -10.18 17.39
N VAL B 302 13.70 -10.89 18.45
CA VAL B 302 13.99 -12.32 18.56
C VAL B 302 13.46 -13.11 17.36
N ASN B 303 12.23 -12.82 16.96
CA ASN B 303 11.61 -13.48 15.85
C ASN B 303 12.36 -13.17 14.57
N LYS B 304 12.88 -11.95 14.45
CA LYS B 304 13.64 -11.57 13.25
C LYS B 304 14.97 -12.30 13.22
N MSE B 305 15.57 -12.45 14.39
CA MSE B 305 16.85 -13.14 14.53
C MSE B 305 16.72 -14.61 14.12
O MSE B 305 17.66 -15.20 13.57
CB MSE B 305 17.33 -13.07 15.98
CG MSE B 305 17.82 -11.71 16.41
SE MSE B 305 18.68 -11.48 18.04
CE MSE B 305 20.36 -12.05 17.75
N ALA B 306 15.59 -15.21 14.44
CA ALA B 306 15.32 -16.60 14.13
C ALA B 306 15.17 -16.80 12.63
N GLN B 307 14.62 -15.81 11.94
CA GLN B 307 14.40 -15.88 10.49
C GLN B 307 15.68 -15.81 9.66
N ALA B 308 16.71 -15.17 10.21
CA ALA B 308 17.99 -14.97 9.52
C ALA B 308 18.97 -16.12 9.53
#